data_4H2K
#
_entry.id   4H2K
#
_cell.length_a   61.667
_cell.length_b   44.721
_cell.length_c   92.481
_cell.angle_alpha   90.00
_cell.angle_beta   92.90
_cell.angle_gamma   90.00
#
_symmetry.space_group_name_H-M   'P 1 21 1'
#
loop_
_entity.id
_entity.type
_entity.pdbx_description
1 polymer 'Succinyl-diaminopimelate desuccinylase'
2 non-polymer 'ZINC ION'
3 water water
#
_entity_poly.entity_id   1
_entity_poly.type   'polypeptide(L)'
_entity_poly.pdbx_seq_one_letter_code
;SNAMKEKVVSLAQDLIRRPSISPNDEGCQQIIAERLEKLGFQIEWMPFNDTLNLWAKHGTSEPVIAFAGHTDVVPTGDEN
QWSSPPFSAEIIDGMLYGRGAADMKGSLAAMIVAAEEYVKANPNHKGTIALLITSDEEATAKDGTIHVVETLMARDEKIT
YCMVGEPSSAKNLGDVVKNGRRGGGFLTKPGKLLDSITSAIEETIGITPKAETGGGTSDGRFIALMGAEVVEFGPLNSTI
HKVNECVSVEDLGKCGEIYHKMLVNLLDS
;
_entity_poly.pdbx_strand_id   A,B
#
loop_
_chem_comp.id
_chem_comp.type
_chem_comp.name
_chem_comp.formula
ZN non-polymer 'ZINC ION' 'Zn 2'
#
# COMPACT_ATOMS: atom_id res chain seq x y z
N ASN A 2 -32.11 -7.06 22.36
CA ASN A 2 -32.01 -5.60 22.66
C ASN A 2 -30.95 -5.35 23.68
N ALA A 3 -30.65 -6.39 24.43
CA ALA A 3 -29.50 -6.42 25.35
C ALA A 3 -28.23 -6.16 24.54
N MET A 4 -28.13 -6.84 23.42
CA MET A 4 -26.95 -6.71 22.52
C MET A 4 -26.91 -5.30 21.90
N LYS A 5 -28.07 -4.80 21.52
CA LYS A 5 -28.07 -3.46 20.92
C LYS A 5 -27.44 -2.49 21.92
N GLU A 6 -27.92 -2.62 23.12
CA GLU A 6 -27.45 -1.78 24.27
C GLU A 6 -25.94 -1.87 24.48
N LYS A 7 -25.39 -3.06 24.30
CA LYS A 7 -23.98 -3.20 24.45
C LYS A 7 -23.20 -2.47 23.34
N VAL A 8 -23.72 -2.54 22.11
CA VAL A 8 -23.13 -1.89 20.95
C VAL A 8 -23.12 -0.38 21.23
N VAL A 9 -24.27 0.10 21.68
CA VAL A 9 -24.38 1.59 21.88
C VAL A 9 -23.40 2.11 22.96
N SER A 10 -23.39 1.43 24.08
CA SER A 10 -22.51 1.75 25.22
C SER A 10 -21.02 1.76 24.83
N LEU A 11 -20.61 0.73 24.06
CA LEU A 11 -19.26 0.70 23.55
C LEU A 11 -18.92 1.80 22.59
N ALA A 12 -19.86 2.10 21.72
CA ALA A 12 -19.71 3.19 20.71
C ALA A 12 -19.52 4.55 21.43
N GLN A 13 -20.22 4.73 22.51
CA GLN A 13 -20.17 6.02 23.26
C GLN A 13 -18.81 6.12 23.94
N ASP A 14 -18.40 5.02 24.56
CA ASP A 14 -17.10 4.92 25.21
C ASP A 14 -15.95 5.31 24.27
N LEU A 15 -16.03 4.81 23.03
CA LEU A 15 -15.08 5.10 21.96
C LEU A 15 -15.17 6.57 21.50
N ILE A 16 -16.37 7.01 21.32
CA ILE A 16 -16.62 8.37 20.72
C ILE A 16 -16.03 9.42 21.68
N ARG A 17 -16.21 9.17 22.95
CA ARG A 17 -15.70 10.08 24.00
C ARG A 17 -14.19 10.34 23.98
N ARG A 18 -13.44 9.39 23.41
N ARG A 18 -13.44 9.41 23.39
CA ARG A 18 -11.97 9.50 23.23
CA ARG A 18 -11.97 9.50 23.24
C ARG A 18 -11.58 10.27 21.95
C ARG A 18 -11.56 10.27 21.95
N PRO A 19 -10.93 11.47 22.08
CA PRO A 19 -10.70 12.31 20.91
C PRO A 19 -9.52 11.92 20.09
N SER A 20 -9.71 10.82 19.36
CA SER A 20 -8.62 10.10 18.75
C SER A 20 -8.28 10.59 17.36
N ILE A 21 -8.00 11.89 17.29
CA ILE A 21 -7.52 12.50 16.09
C ILE A 21 -6.24 11.81 15.66
N SER A 22 -6.24 11.41 14.41
CA SER A 22 -5.10 10.66 13.82
C SER A 22 -3.74 11.28 14.18
N PRO A 23 -2.73 10.46 14.58
CA PRO A 23 -2.73 8.98 14.78
C PRO A 23 -2.84 8.55 16.24
N ASN A 24 -3.35 9.46 17.03
CA ASN A 24 -3.44 9.31 18.50
C ASN A 24 -4.64 8.39 18.91
N ASP A 25 -4.36 7.22 19.47
CA ASP A 25 -5.46 6.26 19.73
C ASP A 25 -6.31 6.66 20.96
N GLU A 26 -5.74 7.46 21.83
CA GLU A 26 -6.43 7.89 23.06
C GLU A 26 -7.08 6.78 23.87
N GLY A 27 -6.42 5.61 23.91
CA GLY A 27 -6.94 4.47 24.67
C GLY A 27 -8.10 3.64 24.13
N CYS A 28 -8.49 3.89 22.91
CA CYS A 28 -9.62 3.16 22.35
C CYS A 28 -9.21 1.64 22.17
N GLN A 29 -8.06 1.45 21.62
CA GLN A 29 -7.63 0.00 21.38
C GLN A 29 -7.51 -0.76 22.69
N GLN A 30 -7.02 -0.11 23.73
CA GLN A 30 -7.01 -0.73 25.06
C GLN A 30 -8.36 -1.23 25.58
N ILE A 31 -9.36 -0.39 25.44
CA ILE A 31 -10.77 -0.70 25.86
C ILE A 31 -11.17 -1.99 25.14
N ILE A 32 -10.85 -1.96 23.88
CA ILE A 32 -11.30 -3.00 22.95
C ILE A 32 -10.56 -4.31 23.35
N ALA A 33 -9.26 -4.20 23.50
CA ALA A 33 -8.39 -5.42 23.82
C ALA A 33 -8.78 -6.02 25.18
N GLU A 34 -9.09 -5.14 26.13
CA GLU A 34 -9.52 -5.59 27.49
C GLU A 34 -10.76 -6.49 27.43
N ARG A 35 -11.74 -6.05 26.66
CA ARG A 35 -13.00 -6.84 26.47
C ARG A 35 -12.74 -8.24 25.79
N LEU A 36 -11.95 -8.21 24.76
CA LEU A 36 -11.68 -9.44 23.92
C LEU A 36 -10.85 -10.44 24.68
N GLU A 37 -9.89 -9.89 25.42
CA GLU A 37 -8.91 -10.71 26.20
C GLU A 37 -9.67 -11.51 27.23
N LYS A 38 -10.67 -10.86 27.79
CA LYS A 38 -11.61 -11.53 28.76
C LYS A 38 -12.34 -12.69 28.21
N LEU A 39 -12.48 -12.77 26.89
CA LEU A 39 -13.22 -13.88 26.22
C LEU A 39 -12.30 -14.88 25.57
N GLY A 40 -11.02 -14.74 25.84
CA GLY A 40 -10.02 -15.73 25.38
C GLY A 40 -9.28 -15.37 24.09
N PHE A 41 -9.51 -14.14 23.64
CA PHE A 41 -8.77 -13.68 22.48
C PHE A 41 -7.27 -13.49 22.84
N GLN A 42 -6.45 -13.85 21.89
CA GLN A 42 -4.99 -13.60 21.98
C GLN A 42 -4.78 -12.18 21.47
N ILE A 43 -4.12 -11.39 22.30
CA ILE A 43 -3.87 -9.96 22.02
C ILE A 43 -2.41 -9.74 21.56
N GLU A 44 -2.27 -9.18 20.37
CA GLU A 44 -0.96 -8.73 19.91
C GLU A 44 -0.88 -7.25 19.50
N TRP A 45 0.04 -6.58 20.14
CA TRP A 45 0.26 -5.11 19.92
C TRP A 45 1.34 -4.94 18.91
N MET A 46 1.00 -4.18 17.88
CA MET A 46 1.96 -3.77 16.87
C MET A 46 2.11 -2.22 16.69
N PRO A 47 2.68 -1.52 17.71
CA PRO A 47 3.02 -0.07 17.60
C PRO A 47 4.17 0.14 16.64
N PHE A 48 4.06 1.22 15.91
CA PHE A 48 5.15 1.64 15.02
C PHE A 48 5.12 3.17 14.90
N ASN A 49 6.26 3.76 15.19
CA ASN A 49 6.34 5.25 15.24
C ASN A 49 5.24 5.81 16.15
N ASP A 50 4.35 6.63 15.61
CA ASP A 50 3.31 7.31 16.44
C ASP A 50 1.92 6.65 16.37
N THR A 51 1.91 5.46 15.77
CA THR A 51 0.67 4.75 15.39
C THR A 51 0.58 3.50 16.31
N LEU A 52 -0.62 3.26 16.83
CA LEU A 52 -0.95 2.01 17.59
C LEU A 52 -1.81 1.06 16.69
N ASN A 53 -1.41 -0.23 16.63
CA ASN A 53 -2.11 -1.25 15.89
C ASN A 53 -2.32 -2.48 16.79
N LEU A 54 -3.51 -3.04 16.63
CA LEU A 54 -4.01 -4.27 17.34
C LEU A 54 -4.38 -5.37 16.39
N TRP A 55 -3.83 -6.54 16.69
CA TRP A 55 -4.12 -7.80 16.04
C TRP A 55 -4.60 -8.76 17.15
N ALA A 56 -5.87 -9.08 17.12
CA ALA A 56 -6.55 -9.94 18.20
C ALA A 56 -7.21 -11.13 17.53
N LYS A 57 -6.99 -12.32 18.08
CA LYS A 57 -7.44 -13.54 17.36
C LYS A 57 -8.08 -14.49 18.44
N HIS A 58 -9.15 -15.17 18.01
CA HIS A 58 -9.79 -16.30 18.74
C HIS A 58 -9.89 -17.49 17.82
N GLY A 59 -9.24 -18.56 18.19
CA GLY A 59 -9.24 -19.73 17.34
C GLY A 59 -7.85 -20.03 16.82
N THR A 60 -7.69 -21.22 16.25
CA THR A 60 -6.38 -21.59 15.64
C THR A 60 -6.40 -21.90 14.14
N SER A 61 -7.33 -22.75 13.77
CA SER A 61 -7.45 -23.16 12.38
C SER A 61 -7.88 -22.06 11.38
N GLU A 62 -7.57 -22.35 10.13
CA GLU A 62 -8.16 -21.61 8.97
C GLU A 62 -9.59 -22.09 8.88
N PRO A 63 -10.48 -21.35 8.24
CA PRO A 63 -10.40 -20.02 7.65
C PRO A 63 -10.28 -18.98 8.75
N VAL A 64 -9.60 -17.93 8.39
CA VAL A 64 -9.39 -16.77 9.24
C VAL A 64 -10.27 -15.66 8.66
N ILE A 65 -11.24 -15.24 9.47
CA ILE A 65 -12.12 -14.10 9.19
CA ILE A 65 -12.13 -14.09 9.19
C ILE A 65 -11.69 -12.92 10.10
N ALA A 66 -11.24 -11.86 9.48
CA ALA A 66 -10.79 -10.66 10.23
C ALA A 66 -11.84 -9.56 10.03
N PHE A 67 -12.19 -8.92 11.12
CA PHE A 67 -12.88 -7.57 11.10
C PHE A 67 -11.81 -6.52 11.14
N ALA A 68 -11.86 -5.53 10.24
CA ALA A 68 -10.83 -4.52 10.21
C ALA A 68 -11.52 -3.10 10.32
N GLY A 69 -10.82 -2.27 10.96
CA GLY A 69 -11.28 -0.84 11.11
C GLY A 69 -10.25 0.01 11.81
N HIS A 70 -10.66 1.26 12.04
CA HIS A 70 -9.73 2.22 12.63
C HIS A 70 -10.40 3.01 13.74
N THR A 71 -9.55 3.40 14.68
CA THR A 71 -9.98 4.07 15.89
C THR A 71 -9.81 5.59 15.75
N ASP A 72 -9.14 5.99 14.68
CA ASP A 72 -8.82 7.42 14.55
C ASP A 72 -10.01 8.06 13.88
N VAL A 73 -10.02 9.38 14.12
CA VAL A 73 -11.03 10.24 13.57
C VAL A 73 -10.37 11.51 12.98
N VAL A 74 -11.14 12.11 12.08
CA VAL A 74 -10.77 13.41 11.36
C VAL A 74 -11.03 14.66 12.31
N PRO A 75 -10.31 15.77 12.13
CA PRO A 75 -10.63 16.97 12.90
C PRO A 75 -12.11 17.35 12.89
N THR A 76 -12.47 18.08 13.92
CA THR A 76 -13.89 18.41 14.21
C THR A 76 -14.38 19.67 13.47
N GLY A 77 -13.44 20.53 13.17
CA GLY A 77 -13.75 21.92 12.76
C GLY A 77 -14.25 22.74 13.95
N ASP A 78 -14.61 23.99 13.67
CA ASP A 78 -15.02 24.92 14.75
C ASP A 78 -16.18 24.33 15.57
N GLU A 79 -16.01 24.33 16.87
CA GLU A 79 -17.04 23.80 17.78
C GLU A 79 -18.35 24.59 17.81
N ASN A 80 -18.32 25.82 17.31
CA ASN A 80 -19.56 26.68 17.28
C ASN A 80 -20.57 26.16 16.24
N GLN A 81 -20.04 25.30 15.37
CA GLN A 81 -20.87 24.66 14.30
C GLN A 81 -21.64 23.39 14.76
N TRP A 82 -21.20 22.87 15.90
CA TRP A 82 -21.75 21.66 16.47
C TRP A 82 -22.86 21.95 17.42
N SER A 83 -23.91 21.13 17.33
CA SER A 83 -25.13 21.24 18.22
C SER A 83 -24.90 20.59 19.60
N SER A 84 -24.32 19.40 19.52
CA SER A 84 -23.68 18.73 20.68
C SER A 84 -22.11 18.80 20.56
N PRO A 85 -21.39 18.88 21.68
CA PRO A 85 -19.97 18.91 21.52
C PRO A 85 -19.50 17.59 20.86
N PRO A 86 -18.47 17.65 20.00
CA PRO A 86 -18.12 16.56 19.09
C PRO A 86 -17.72 15.28 19.77
N PHE A 87 -17.31 15.36 21.01
CA PHE A 87 -16.86 14.15 21.72
C PHE A 87 -17.77 13.84 22.88
N SER A 88 -18.97 14.40 22.84
CA SER A 88 -19.94 14.15 23.95
C SER A 88 -20.66 12.78 23.89
N ALA A 89 -20.85 12.26 22.70
CA ALA A 89 -21.49 10.93 22.47
C ALA A 89 -22.93 10.92 23.02
N GLU A 90 -23.53 12.08 22.82
CA GLU A 90 -24.92 12.32 23.21
C GLU A 90 -25.93 11.67 22.23
N ILE A 91 -26.95 11.11 22.81
CA ILE A 91 -28.04 10.48 22.08
C ILE A 91 -29.29 11.40 22.12
N ILE A 92 -29.68 11.84 20.92
CA ILE A 92 -30.81 12.82 20.71
C ILE A 92 -31.75 12.30 19.64
N ASP A 93 -33.01 12.05 20.07
CA ASP A 93 -34.09 11.52 19.21
C ASP A 93 -33.61 10.33 18.35
N GLY A 94 -33.11 9.33 19.04
CA GLY A 94 -32.58 8.09 18.39
C GLY A 94 -31.26 8.12 17.61
N MET A 95 -30.64 9.28 17.63
CA MET A 95 -29.33 9.51 16.92
C MET A 95 -28.19 9.69 17.93
N LEU A 96 -27.16 8.85 17.76
CA LEU A 96 -25.89 9.02 18.46
C LEU A 96 -24.97 9.99 17.71
N TYR A 97 -24.76 11.15 18.35
CA TYR A 97 -23.93 12.22 17.79
C TYR A 97 -22.48 12.13 18.23
N GLY A 98 -21.63 12.52 17.31
CA GLY A 98 -20.21 12.75 17.56
C GLY A 98 -19.24 12.41 16.44
N ARG A 99 -18.05 12.97 16.57
CA ARG A 99 -17.05 12.85 15.55
C ARG A 99 -16.66 11.35 15.77
N GLY A 100 -16.72 10.64 14.71
CA GLY A 100 -16.46 9.15 14.79
C GLY A 100 -17.64 8.26 14.89
N ALA A 101 -18.84 8.84 15.11
CA ALA A 101 -20.06 8.00 15.35
C ALA A 101 -20.37 7.13 14.14
N ALA A 102 -20.32 7.72 12.96
CA ALA A 102 -20.48 7.07 11.64
C ALA A 102 -19.17 6.44 11.12
N ASP A 103 -18.10 7.16 11.28
CA ASP A 103 -16.80 6.79 10.68
C ASP A 103 -15.72 6.76 11.72
N MET A 104 -15.52 5.67 12.41
CA MET A 104 -16.25 4.42 12.23
C MET A 104 -16.51 3.73 13.57
N LYS A 105 -16.64 4.52 14.61
CA LYS A 105 -16.65 3.92 15.96
C LYS A 105 -17.95 3.11 16.28
N GLY A 106 -19.07 3.55 15.67
CA GLY A 106 -20.39 2.83 15.81
C GLY A 106 -20.20 1.38 15.24
N SER A 107 -19.67 1.36 14.04
CA SER A 107 -19.54 0.05 13.33
C SER A 107 -18.46 -0.84 13.94
N LEU A 108 -17.40 -0.20 14.40
CA LEU A 108 -16.32 -0.87 15.11
C LEU A 108 -16.93 -1.56 16.35
N ALA A 109 -17.70 -0.78 17.08
CA ALA A 109 -18.42 -1.37 18.27
C ALA A 109 -19.37 -2.54 17.92
N ALA A 110 -20.06 -2.42 16.81
CA ALA A 110 -20.97 -3.48 16.33
C ALA A 110 -20.19 -4.77 15.96
N MET A 111 -19.06 -4.59 15.28
CA MET A 111 -18.14 -5.80 14.89
C MET A 111 -17.63 -6.53 16.11
N ILE A 112 -17.21 -5.72 17.08
CA ILE A 112 -16.66 -6.22 18.30
C ILE A 112 -17.75 -7.04 19.08
N VAL A 113 -18.90 -6.42 19.24
CA VAL A 113 -20.00 -7.06 20.01
C VAL A 113 -20.44 -8.36 19.35
N ALA A 114 -20.51 -8.30 18.04
CA ALA A 114 -20.82 -9.49 17.18
C ALA A 114 -19.82 -10.66 17.34
N ALA A 115 -18.52 -10.33 17.28
CA ALA A 115 -17.40 -11.35 17.53
C ALA A 115 -17.53 -11.97 18.93
N GLU A 116 -17.77 -11.11 19.91
CA GLU A 116 -17.92 -11.55 21.31
C GLU A 116 -19.11 -12.50 21.51
N GLU A 117 -20.23 -12.08 20.96
CA GLU A 117 -21.51 -12.80 21.08
C GLU A 117 -21.34 -14.18 20.44
N TYR A 118 -20.75 -14.13 19.27
CA TYR A 118 -20.44 -15.37 18.50
C TYR A 118 -19.57 -16.34 19.23
N VAL A 119 -18.47 -15.84 19.80
CA VAL A 119 -17.48 -16.67 20.53
C VAL A 119 -18.11 -17.19 21.83
N LYS A 120 -18.88 -16.34 22.48
CA LYS A 120 -19.56 -16.84 23.69
C LYS A 120 -20.51 -18.02 23.45
N ALA A 121 -21.16 -18.02 22.32
CA ALA A 121 -22.12 -19.10 21.91
C ALA A 121 -21.38 -20.33 21.39
N ASN A 122 -20.27 -20.05 20.71
CA ASN A 122 -19.47 -21.12 20.02
C ASN A 122 -17.95 -21.15 20.30
N PRO A 123 -17.55 -21.41 21.53
CA PRO A 123 -16.17 -21.31 21.82
C PRO A 123 -15.27 -22.27 21.07
N ASN A 124 -15.84 -23.37 20.66
CA ASN A 124 -15.09 -24.35 19.85
CA ASN A 124 -15.15 -24.38 19.85
C ASN A 124 -15.37 -24.20 18.34
N HIS A 125 -15.55 -22.95 17.91
CA HIS A 125 -15.88 -22.69 16.51
C HIS A 125 -14.76 -23.04 15.58
N LYS A 126 -15.11 -23.61 14.43
CA LYS A 126 -14.17 -23.73 13.29
C LYS A 126 -13.53 -22.40 12.97
N GLY A 127 -12.27 -22.50 12.54
CA GLY A 127 -11.53 -21.35 11.99
C GLY A 127 -11.12 -20.33 13.09
N THR A 128 -10.87 -19.12 12.62
CA THR A 128 -10.31 -18.12 13.52
C THR A 128 -11.07 -16.78 13.24
N ILE A 129 -11.47 -16.14 14.31
CA ILE A 129 -12.06 -14.78 14.26
C ILE A 129 -11.02 -13.78 14.80
N ALA A 130 -10.71 -12.78 13.97
CA ALA A 130 -9.64 -11.87 14.24
C ALA A 130 -10.21 -10.42 14.13
N LEU A 131 -9.53 -9.55 14.82
CA LEU A 131 -9.75 -8.08 14.68
C LEU A 131 -8.40 -7.42 14.41
N LEU A 132 -8.43 -6.53 13.42
CA LEU A 132 -7.29 -5.79 12.91
C LEU A 132 -7.68 -4.29 12.96
N ILE A 133 -7.13 -3.63 13.93
CA ILE A 133 -7.52 -2.19 14.26
C ILE A 133 -6.25 -1.30 14.25
N THR A 134 -6.36 -0.12 13.63
CA THR A 134 -5.22 0.75 13.49
C THR A 134 -5.73 2.10 14.04
N SER A 135 -4.76 2.85 14.51
CA SER A 135 -4.97 4.30 14.95
C SER A 135 -4.66 5.28 13.86
N ASP A 136 -4.31 4.81 12.68
CA ASP A 136 -4.07 5.80 11.53
C ASP A 136 -4.53 5.26 10.21
N GLU A 137 -5.79 5.53 9.93
CA GLU A 137 -6.35 5.24 8.60
C GLU A 137 -6.60 6.54 7.86
N GLU A 138 -6.91 7.55 8.63
CA GLU A 138 -7.46 8.84 8.05
C GLU A 138 -6.43 9.89 7.64
N ALA A 139 -5.23 9.74 8.17
CA ALA A 139 -4.12 10.57 7.70
C ALA A 139 -3.18 9.86 6.71
N THR A 140 -1.89 9.93 6.95
CA THR A 140 -0.89 9.41 5.98
C THR A 140 -0.86 7.87 5.95
N ALA A 141 -1.11 7.27 7.09
CA ALA A 141 -1.30 5.80 7.18
C ALA A 141 -0.08 4.98 6.74
N LYS A 142 1.11 5.54 6.89
CA LYS A 142 2.37 4.80 6.52
C LYS A 142 2.68 3.65 7.47
N ASP A 143 2.12 3.78 8.66
CA ASP A 143 2.48 2.88 9.80
C ASP A 143 1.30 2.15 10.44
N GLY A 144 0.24 2.05 9.69
CA GLY A 144 -1.04 1.56 10.24
C GLY A 144 -1.27 0.14 9.79
N THR A 145 -2.41 -0.03 9.14
CA THR A 145 -2.79 -1.36 8.58
C THR A 145 -1.66 -1.97 7.74
N ILE A 146 -0.99 -1.13 6.94
CA ILE A 146 0.13 -1.68 6.08
C ILE A 146 1.26 -2.39 6.87
N HIS A 147 1.61 -1.81 8.01
CA HIS A 147 2.56 -2.40 8.99
C HIS A 147 2.12 -3.78 9.50
N VAL A 148 0.81 -3.84 9.87
CA VAL A 148 0.21 -5.09 10.36
C VAL A 148 0.32 -6.11 9.21
N VAL A 149 -0.09 -5.68 8.03
CA VAL A 149 -0.11 -6.62 6.81
C VAL A 149 1.32 -7.16 6.58
N GLU A 150 2.29 -6.26 6.55
CA GLU A 150 3.75 -6.67 6.40
C GLU A 150 4.21 -7.74 7.42
N THR A 151 3.85 -7.46 8.65
CA THR A 151 4.22 -8.26 9.86
C THR A 151 3.67 -9.67 9.72
N LEU A 152 2.39 -9.70 9.38
CA LEU A 152 1.67 -10.98 9.16
C LEU A 152 2.26 -11.74 7.98
N MET A 153 2.47 -11.01 6.87
CA MET A 153 3.05 -11.64 5.65
C MET A 153 4.47 -12.22 5.89
N ALA A 154 5.26 -11.48 6.65
CA ALA A 154 6.64 -11.87 7.01
C ALA A 154 6.77 -13.22 7.75
N ARG A 155 5.76 -13.55 8.50
CA ARG A 155 5.69 -14.83 9.23
C ARG A 155 4.67 -15.82 8.62
N ASP A 156 4.27 -15.56 7.39
CA ASP A 156 3.41 -16.49 6.67
C ASP A 156 2.07 -16.77 7.40
N GLU A 157 1.54 -15.72 8.01
CA GLU A 157 0.23 -15.74 8.68
C GLU A 157 -0.84 -15.28 7.68
N LYS A 158 -1.88 -16.08 7.56
CA LYS A 158 -2.98 -15.91 6.56
C LYS A 158 -4.23 -15.22 7.09
N ILE A 159 -4.80 -14.41 6.21
CA ILE A 159 -6.20 -13.96 6.31
C ILE A 159 -6.99 -14.46 5.09
N THR A 160 -8.06 -15.16 5.36
CA THR A 160 -8.92 -15.74 4.30
C THR A 160 -9.97 -14.74 3.82
N TYR A 161 -10.56 -14.10 4.81
CA TYR A 161 -11.74 -13.25 4.56
C TYR A 161 -11.57 -11.97 5.37
N CYS A 162 -12.00 -10.81 4.87
CA CYS A 162 -11.85 -9.67 5.77
C CYS A 162 -13.00 -8.68 5.51
N MET A 163 -13.72 -8.43 6.57
CA MET A 163 -14.89 -7.50 6.65
C MET A 163 -14.38 -6.17 7.21
N VAL A 164 -14.47 -5.15 6.36
CA VAL A 164 -13.98 -3.83 6.65
C VAL A 164 -15.23 -2.98 6.96
N GLY A 165 -15.30 -2.52 8.18
CA GLY A 165 -16.53 -2.06 8.83
C GLY A 165 -16.72 -0.56 8.53
N GLU A 166 -16.09 -0.12 7.45
CA GLU A 166 -16.34 1.31 6.99
C GLU A 166 -17.80 1.56 6.59
N PRO A 167 -18.36 2.78 6.89
CA PRO A 167 -19.75 3.04 6.56
C PRO A 167 -20.00 3.07 5.03
N SER A 168 -20.69 2.06 4.54
CA SER A 168 -20.87 1.79 3.10
C SER A 168 -22.29 2.13 2.55
N SER A 169 -23.23 2.16 3.45
CA SER A 169 -24.64 2.42 3.11
C SER A 169 -24.86 3.87 2.61
N ALA A 170 -25.57 3.98 1.49
CA ALA A 170 -25.80 5.28 0.80
C ALA A 170 -27.13 5.98 1.20
N LYS A 171 -28.25 5.26 1.10
CA LYS A 171 -29.61 5.85 1.42
C LYS A 171 -30.34 5.22 2.59
N ASN A 172 -30.16 3.91 2.64
CA ASN A 172 -30.74 3.02 3.62
C ASN A 172 -29.72 1.97 4.07
N LEU A 173 -29.75 1.66 5.34
CA LEU A 173 -28.79 0.69 5.91
C LEU A 173 -28.88 -0.57 5.07
N GLY A 174 -27.73 -1.12 4.71
CA GLY A 174 -27.68 -2.40 3.98
C GLY A 174 -27.90 -2.30 2.46
N ASP A 175 -28.16 -1.10 1.97
CA ASP A 175 -28.36 -0.88 0.49
C ASP A 175 -27.09 -1.12 -0.39
N VAL A 176 -25.93 -0.92 0.22
CA VAL A 176 -24.58 -1.00 -0.48
C VAL A 176 -23.49 -1.75 0.31
N VAL A 177 -22.91 -2.69 -0.39
CA VAL A 177 -21.73 -3.44 0.02
C VAL A 177 -20.58 -3.07 -0.97
N LYS A 178 -19.34 -2.97 -0.50
CA LYS A 178 -18.16 -2.68 -1.39
C LYS A 178 -17.14 -3.82 -1.49
N ASN A 179 -16.81 -4.20 -2.71
CA ASN A 179 -15.77 -5.25 -2.96
C ASN A 179 -14.88 -4.96 -4.18
N GLY A 180 -14.07 -5.91 -4.59
CA GLY A 180 -13.14 -5.70 -5.73
C GLY A 180 -11.97 -4.73 -5.63
N ARG A 181 -11.45 -4.43 -6.80
CA ARG A 181 -10.17 -3.69 -6.94
C ARG A 181 -10.46 -2.29 -7.45
N ARG A 182 -9.58 -1.37 -7.13
CA ARG A 182 -9.79 0.05 -7.53
C ARG A 182 -9.77 0.21 -9.07
N GLY A 183 -8.82 -0.51 -9.64
CA GLY A 183 -8.56 -0.49 -11.10
C GLY A 183 -9.18 -1.61 -11.92
N GLY A 184 -10.12 -2.28 -11.30
CA GLY A 184 -10.92 -3.34 -11.92
C GLY A 184 -10.45 -4.74 -11.59
N GLY A 191 -17.17 -14.52 -3.34
CA GLY A 191 -16.84 -15.75 -2.61
C GLY A 191 -17.81 -15.92 -1.44
N LYS A 192 -17.43 -16.79 -0.52
CA LYS A 192 -18.25 -17.02 0.72
C LYS A 192 -18.46 -15.76 1.59
N LEU A 193 -17.48 -14.86 1.64
CA LEU A 193 -17.69 -13.64 2.45
C LEU A 193 -18.84 -12.77 1.87
N LEU A 194 -18.78 -12.47 0.58
CA LEU A 194 -19.83 -11.66 -0.06
C LEU A 194 -21.18 -12.31 0.17
N ASP A 195 -21.21 -13.62 -0.04
CA ASP A 195 -22.46 -14.45 0.13
C ASP A 195 -23.00 -14.33 1.55
N SER A 196 -22.07 -14.39 2.47
CA SER A 196 -22.36 -14.44 3.92
C SER A 196 -22.93 -13.12 4.39
N ILE A 197 -22.34 -12.03 3.94
CA ILE A 197 -22.80 -10.64 4.37
C ILE A 197 -24.11 -10.29 3.65
N THR A 198 -24.25 -10.75 2.42
CA THR A 198 -25.43 -10.44 1.63
C THR A 198 -26.68 -11.05 2.26
N SER A 199 -26.55 -12.32 2.57
CA SER A 199 -27.61 -13.06 3.26
C SER A 199 -27.92 -12.53 4.61
N ALA A 200 -26.88 -12.16 5.36
CA ALA A 200 -27.08 -11.63 6.71
C ALA A 200 -27.91 -10.35 6.69
N ILE A 201 -27.61 -9.53 5.71
CA ILE A 201 -28.33 -8.23 5.51
C ILE A 201 -29.80 -8.52 5.13
N GLU A 202 -29.96 -9.44 4.20
CA GLU A 202 -31.34 -9.81 3.69
C GLU A 202 -32.21 -10.33 4.84
N GLU A 203 -31.62 -11.29 5.53
CA GLU A 203 -32.23 -11.96 6.71
C GLU A 203 -32.53 -11.05 7.91
N THR A 204 -31.76 -9.98 8.06
CA THR A 204 -31.91 -9.09 9.23
C THR A 204 -32.82 -7.90 8.95
N ILE A 205 -32.65 -7.28 7.80
CA ILE A 205 -33.43 -6.08 7.51
C ILE A 205 -34.23 -6.14 6.20
N GLY A 206 -34.20 -7.30 5.58
CA GLY A 206 -35.06 -7.56 4.42
C GLY A 206 -34.86 -6.70 3.19
N ILE A 207 -33.62 -6.38 2.91
CA ILE A 207 -33.25 -5.85 1.60
C ILE A 207 -31.95 -6.47 1.12
N THR A 208 -31.76 -6.38 -0.19
CA THR A 208 -30.62 -7.02 -0.88
C THR A 208 -29.61 -5.93 -1.23
N PRO A 209 -28.35 -6.05 -0.72
CA PRO A 209 -27.38 -5.07 -1.12
C PRO A 209 -26.96 -5.18 -2.56
N LYS A 210 -26.66 -4.00 -3.09
CA LYS A 210 -25.90 -3.82 -4.32
C LYS A 210 -24.42 -3.83 -4.00
N ALA A 211 -23.69 -4.81 -4.55
CA ALA A 211 -22.18 -4.76 -4.62
C ALA A 211 -21.61 -3.66 -5.56
N GLU A 212 -20.88 -2.71 -5.00
CA GLU A 212 -20.10 -1.69 -5.78
C GLU A 212 -18.60 -1.91 -5.72
N THR A 213 -17.95 -1.55 -6.82
CA THR A 213 -16.44 -1.38 -6.92
C THR A 213 -16.08 0.07 -7.07
N GLY A 216 -13.86 2.27 -1.22
CA GLY A 216 -12.77 1.31 -1.19
C GLY A 216 -11.55 1.97 -0.58
N THR A 217 -11.36 1.67 0.68
CA THR A 217 -10.29 2.28 1.44
C THR A 217 -8.99 1.67 1.08
N SER A 218 -7.98 2.50 1.19
CA SER A 218 -6.59 2.02 0.98
C SER A 218 -6.32 0.81 1.90
N ASP A 219 -6.81 0.90 3.13
CA ASP A 219 -6.58 -0.15 4.18
C ASP A 219 -7.06 -1.56 3.72
N GLY A 220 -8.33 -1.63 3.38
CA GLY A 220 -8.91 -2.79 2.64
C GLY A 220 -8.02 -3.25 1.46
N ARG A 221 -7.61 -2.24 0.72
CA ARG A 221 -6.69 -2.44 -0.43
C ARG A 221 -5.41 -3.20 -0.07
N PHE A 222 -4.84 -2.86 1.07
CA PHE A 222 -3.62 -3.55 1.53
C PHE A 222 -3.89 -4.97 2.04
N ILE A 223 -5.02 -5.14 2.70
CA ILE A 223 -5.38 -6.49 3.25
C ILE A 223 -5.58 -7.47 2.10
N ALA A 224 -6.16 -6.95 1.02
CA ALA A 224 -6.42 -7.69 -0.23
C ALA A 224 -5.13 -8.24 -0.88
N LEU A 225 -4.02 -7.55 -0.66
CA LEU A 225 -2.70 -8.00 -1.12
C LEU A 225 -2.22 -9.32 -0.47
N MET A 226 -2.85 -9.67 0.65
CA MET A 226 -2.63 -10.96 1.38
C MET A 226 -3.34 -12.13 0.74
N GLY A 227 -4.17 -11.77 -0.21
CA GLY A 227 -5.04 -12.68 -0.94
C GLY A 227 -6.33 -12.99 -0.22
N ALA A 228 -6.62 -12.19 0.80
CA ALA A 228 -7.98 -12.19 1.46
C ALA A 228 -9.07 -11.69 0.53
N GLU A 229 -10.21 -12.30 0.63
CA GLU A 229 -11.46 -11.75 0.06
C GLU A 229 -11.85 -10.64 1.03
N VAL A 230 -11.92 -9.44 0.48
CA VAL A 230 -12.20 -8.22 1.28
C VAL A 230 -13.53 -7.59 0.86
N VAL A 231 -14.41 -7.42 1.82
CA VAL A 231 -15.71 -6.74 1.59
C VAL A 231 -15.90 -5.62 2.63
N GLU A 232 -16.44 -4.48 2.20
CA GLU A 232 -16.79 -3.39 3.13
C GLU A 232 -18.28 -3.30 3.28
N PHE A 233 -18.68 -3.32 4.52
CA PHE A 233 -20.08 -3.03 4.96
C PHE A 233 -20.20 -2.26 6.26
N GLY A 234 -21.10 -1.26 6.27
CA GLY A 234 -21.29 -0.51 7.47
C GLY A 234 -22.47 0.48 7.33
N PRO A 235 -22.66 1.32 8.33
CA PRO A 235 -23.79 2.24 8.38
C PRO A 235 -23.83 3.29 7.28
N LEU A 236 -24.85 4.15 7.38
CA LEU A 236 -24.95 5.33 6.49
C LEU A 236 -23.75 6.24 6.59
N ASN A 237 -23.26 6.59 5.42
CA ASN A 237 -22.08 7.42 5.33
C ASN A 237 -22.35 8.91 5.02
N SER A 238 -23.59 9.32 5.03
CA SER A 238 -23.93 10.76 4.64
C SER A 238 -23.30 11.82 5.49
N THR A 239 -23.04 11.46 6.75
CA THR A 239 -22.57 12.47 7.77
C THR A 239 -21.06 12.41 8.05
N ILE A 240 -20.38 11.42 7.44
CA ILE A 240 -18.94 11.30 7.69
C ILE A 240 -18.20 12.57 7.28
N HIS A 241 -17.29 12.93 8.13
CA HIS A 241 -16.31 14.03 7.95
C HIS A 241 -16.98 15.38 7.97
N LYS A 242 -18.16 15.38 8.56
CA LYS A 242 -18.98 16.64 8.63
C LYS A 242 -19.24 17.06 10.04
N VAL A 243 -19.66 18.33 10.23
CA VAL A 243 -20.08 18.67 11.53
C VAL A 243 -21.39 17.92 11.86
N ASN A 244 -21.61 17.68 13.12
CA ASN A 244 -22.85 16.98 13.65
C ASN A 244 -22.98 15.57 13.06
N GLU A 245 -21.81 15.03 12.73
CA GLU A 245 -21.72 13.56 12.43
C GLU A 245 -22.61 12.78 13.39
N CYS A 246 -23.36 11.84 12.87
CA CYS A 246 -24.17 10.96 13.76
C CYS A 246 -24.51 9.64 13.13
N VAL A 247 -25.00 8.78 14.00
CA VAL A 247 -25.50 7.52 13.56
C VAL A 247 -26.73 7.06 14.35
N SER A 248 -27.63 6.45 13.63
CA SER A 248 -28.81 5.82 14.19
C SER A 248 -28.50 4.67 15.15
N VAL A 249 -28.99 4.79 16.37
CA VAL A 249 -28.84 3.69 17.37
C VAL A 249 -29.53 2.40 16.96
N GLU A 250 -30.71 2.56 16.37
CA GLU A 250 -31.45 1.42 15.80
C GLU A 250 -30.58 0.75 14.74
N ASP A 251 -30.00 1.60 13.86
CA ASP A 251 -29.00 1.08 12.83
C ASP A 251 -27.79 0.34 13.47
N LEU A 252 -27.25 0.90 14.57
CA LEU A 252 -26.09 0.20 15.25
C LEU A 252 -26.47 -1.20 15.70
N GLY A 253 -27.69 -1.25 16.21
CA GLY A 253 -28.36 -2.47 16.68
C GLY A 253 -28.40 -3.48 15.54
N LYS A 254 -28.93 -3.04 14.41
CA LYS A 254 -29.02 -3.90 13.19
C LYS A 254 -27.63 -4.36 12.65
N CYS A 255 -26.69 -3.43 12.71
CA CYS A 255 -25.26 -3.78 12.37
C CYS A 255 -24.69 -4.92 13.16
N GLY A 256 -24.91 -4.86 14.48
CA GLY A 256 -24.53 -5.94 15.41
C GLY A 256 -25.03 -7.31 15.01
N GLU A 257 -26.31 -7.31 14.71
CA GLU A 257 -27.04 -8.53 14.28
C GLU A 257 -26.50 -9.05 12.94
N ILE A 258 -26.34 -8.10 12.01
CA ILE A 258 -25.80 -8.39 10.63
C ILE A 258 -24.41 -9.05 10.72
N TYR A 259 -23.55 -8.50 11.58
CA TYR A 259 -22.13 -9.02 11.68
C TYR A 259 -22.10 -10.43 12.30
N HIS A 260 -22.99 -10.62 13.25
CA HIS A 260 -23.06 -11.90 13.99
C HIS A 260 -23.56 -12.94 13.01
N LYS A 261 -24.64 -12.59 12.33
CA LYS A 261 -25.19 -13.44 11.23
C LYS A 261 -24.21 -13.81 10.16
N MET A 262 -23.44 -12.82 9.74
CA MET A 262 -22.29 -13.06 8.84
C MET A 262 -21.32 -14.17 9.32
N LEU A 263 -20.92 -14.10 10.60
CA LEU A 263 -20.07 -15.14 11.17
C LEU A 263 -20.69 -16.54 11.16
N VAL A 264 -21.97 -16.58 11.55
CA VAL A 264 -22.80 -17.81 11.51
C VAL A 264 -22.79 -18.40 10.11
N ASN A 265 -23.13 -17.53 9.17
CA ASN A 265 -23.17 -17.90 7.74
C ASN A 265 -21.88 -18.46 7.24
N LEU A 266 -20.80 -17.83 7.69
CA LEU A 266 -19.43 -18.12 7.23
C LEU A 266 -18.71 -19.31 7.79
N LEU A 267 -18.96 -19.58 9.05
CA LEU A 267 -18.13 -20.49 9.89
C LEU A 267 -18.78 -21.81 10.29
N MET B 4 27.06 0.60 -22.62
CA MET B 4 28.05 1.68 -22.40
C MET B 4 27.44 2.87 -21.67
N LYS B 5 28.36 3.53 -21.00
CA LYS B 5 28.12 4.78 -20.28
C LYS B 5 27.57 5.91 -21.17
N GLU B 6 27.98 5.87 -22.43
CA GLU B 6 27.58 6.91 -23.41
C GLU B 6 26.11 6.74 -23.74
N LYS B 7 25.78 5.48 -23.90
CA LYS B 7 24.38 5.08 -24.08
C LYS B 7 23.52 5.51 -22.90
N VAL B 8 24.10 5.34 -21.71
CA VAL B 8 23.34 5.59 -20.48
C VAL B 8 23.09 7.09 -20.43
N VAL B 9 24.14 7.81 -20.68
CA VAL B 9 24.04 9.31 -20.57
C VAL B 9 23.10 9.92 -21.58
N SER B 10 23.16 9.34 -22.74
CA SER B 10 22.37 9.75 -23.90
C SER B 10 20.85 9.62 -23.64
N LEU B 11 20.53 8.41 -23.22
CA LEU B 11 19.16 8.05 -22.75
C LEU B 11 18.73 8.97 -21.57
N ALA B 12 19.63 9.17 -20.59
CA ALA B 12 19.32 10.05 -19.43
C ALA B 12 18.99 11.47 -19.89
N GLN B 13 19.78 11.99 -20.83
CA GLN B 13 19.53 13.36 -21.33
C GLN B 13 18.17 13.45 -22.00
N ASP B 14 17.90 12.46 -22.83
CA ASP B 14 16.63 12.31 -23.59
C ASP B 14 15.40 12.32 -22.61
N LEU B 15 15.52 11.56 -21.52
CA LEU B 15 14.44 11.45 -20.49
C LEU B 15 14.32 12.78 -19.69
N ILE B 16 15.45 13.32 -19.31
CA ILE B 16 15.45 14.50 -18.45
C ILE B 16 14.78 15.69 -19.18
N ARG B 17 14.96 15.73 -20.49
CA ARG B 17 14.47 16.87 -21.30
C ARG B 17 12.95 16.88 -21.39
N ARG B 18 12.34 15.75 -21.08
CA ARG B 18 10.83 15.62 -20.94
C ARG B 18 10.32 16.01 -19.59
N PRO B 19 9.50 17.07 -19.51
CA PRO B 19 9.20 17.58 -18.20
C PRO B 19 8.01 16.82 -17.57
N SER B 20 8.30 15.62 -17.10
CA SER B 20 7.33 14.67 -16.63
C SER B 20 6.93 14.88 -15.15
N ILE B 21 6.44 16.07 -14.82
CA ILE B 21 5.96 16.28 -13.48
C ILE B 21 4.74 15.41 -13.23
N SER B 22 4.67 14.80 -12.05
CA SER B 22 3.67 13.76 -11.73
C SER B 22 2.23 14.23 -12.00
N PRO B 23 1.37 13.39 -12.60
CA PRO B 23 1.59 11.98 -13.05
C PRO B 23 1.82 11.83 -14.58
N ASN B 24 2.22 12.92 -15.18
CA ASN B 24 2.36 13.06 -16.67
C ASN B 24 3.63 12.47 -17.20
N ASP B 25 3.50 11.41 -17.98
CA ASP B 25 4.74 10.72 -18.42
C ASP B 25 5.53 11.51 -19.52
N GLU B 26 4.81 12.39 -20.20
CA GLU B 26 5.39 13.23 -21.31
C GLU B 26 6.25 12.42 -22.29
N GLY B 27 5.73 11.27 -22.63
CA GLY B 27 6.41 10.42 -23.64
C GLY B 27 7.62 9.62 -23.23
N CYS B 28 7.99 9.71 -21.96
CA CYS B 28 9.19 8.93 -21.47
C CYS B 28 9.06 7.42 -21.70
N GLN B 29 7.88 6.92 -21.34
CA GLN B 29 7.69 5.42 -21.36
C GLN B 29 7.65 4.87 -22.78
N GLN B 30 7.10 5.69 -23.66
CA GLN B 30 7.07 5.37 -25.11
C GLN B 30 8.47 5.18 -25.67
N ILE B 31 9.34 6.13 -25.30
CA ILE B 31 10.78 6.19 -25.76
C ILE B 31 11.43 4.83 -25.29
N ILE B 32 11.10 4.48 -24.05
CA ILE B 32 11.59 3.26 -23.36
C ILE B 32 11.09 1.98 -24.03
N ALA B 33 9.80 1.91 -24.14
CA ALA B 33 9.07 0.80 -24.84
C ALA B 33 9.58 0.52 -26.29
N GLU B 34 9.69 1.62 -27.01
CA GLU B 34 10.29 1.65 -28.39
C GLU B 34 11.62 0.91 -28.51
N ARG B 35 12.57 1.26 -27.64
CA ARG B 35 13.93 0.62 -27.60
C ARG B 35 13.82 -0.85 -27.26
N LEU B 36 13.05 -1.10 -26.21
CA LEU B 36 12.93 -2.47 -25.65
C LEU B 36 12.31 -3.42 -26.64
N GLU B 37 11.25 -2.94 -27.29
CA GLU B 37 10.42 -3.76 -28.24
C GLU B 37 11.30 -4.27 -29.41
N LYS B 38 12.16 -3.36 -29.87
CA LYS B 38 13.14 -3.60 -30.98
C LYS B 38 14.07 -4.77 -30.69
N LEU B 39 14.34 -4.97 -29.41
CA LEU B 39 15.14 -6.11 -28.85
C LEU B 39 14.42 -7.37 -28.43
N GLY B 40 13.14 -7.46 -28.75
CA GLY B 40 12.29 -8.64 -28.46
C GLY B 40 11.54 -8.67 -27.14
N PHE B 41 11.63 -7.57 -26.38
CA PHE B 41 10.74 -7.40 -25.21
C PHE B 41 9.26 -7.33 -25.60
N GLN B 42 8.49 -7.95 -24.77
CA GLN B 42 6.99 -7.96 -24.82
C GLN B 42 6.45 -6.78 -24.02
N ILE B 43 5.73 -5.91 -24.69
CA ILE B 43 5.26 -4.62 -24.07
C ILE B 43 3.78 -4.72 -23.64
N GLU B 44 3.50 -4.39 -22.39
CA GLU B 44 2.12 -4.30 -21.90
C GLU B 44 1.91 -2.98 -21.18
N TRP B 45 0.96 -2.26 -21.69
CA TRP B 45 0.56 -0.96 -21.05
C TRP B 45 -0.53 -1.18 -20.05
N MET B 46 -0.39 -0.56 -18.88
CA MET B 46 -1.36 -0.64 -17.79
C MET B 46 -1.75 0.76 -17.27
N PRO B 47 -2.21 1.62 -18.16
CA PRO B 47 -2.78 2.92 -17.69
C PRO B 47 -3.99 2.81 -16.77
N PHE B 48 -4.10 3.79 -15.87
CA PHE B 48 -5.31 3.94 -15.11
C PHE B 48 -5.37 5.39 -14.69
N ASN B 49 -6.58 5.93 -14.77
CA ASN B 49 -6.79 7.36 -14.45
C ASN B 49 -5.77 8.23 -15.22
N ASP B 50 -5.02 9.09 -14.54
CA ASP B 50 -4.01 9.98 -15.20
C ASP B 50 -2.59 9.42 -15.19
N THR B 51 -2.51 8.13 -14.82
CA THR B 51 -1.19 7.46 -14.67
C THR B 51 -0.95 6.45 -15.79
N LEU B 52 0.28 6.47 -16.31
CA LEU B 52 0.72 5.45 -17.28
C LEU B 52 1.67 4.52 -16.58
N ASN B 53 1.53 3.22 -16.90
CA ASN B 53 2.40 2.19 -16.38
C ASN B 53 2.79 1.23 -17.50
N LEU B 54 4.02 0.77 -17.42
CA LEU B 54 4.59 -0.13 -18.43
C LEU B 54 5.08 -1.36 -17.72
N TRP B 55 4.77 -2.52 -18.30
CA TRP B 55 5.34 -3.82 -17.82
C TRP B 55 5.90 -4.46 -19.09
N ALA B 56 7.23 -4.52 -19.16
CA ALA B 56 7.98 -5.02 -20.35
C ALA B 56 8.76 -6.24 -19.94
N LYS B 57 8.78 -7.27 -20.76
CA LYS B 57 9.41 -8.52 -20.29
C LYS B 57 10.13 -9.19 -21.45
N HIS B 58 11.27 -9.78 -21.11
CA HIS B 58 12.08 -10.60 -22.05
C HIS B 58 12.31 -11.92 -21.38
N GLY B 59 11.74 -12.93 -21.99
CA GLY B 59 11.74 -14.29 -21.42
C GLY B 59 10.35 -14.62 -20.91
N THR B 60 10.10 -15.89 -20.63
CA THR B 60 8.76 -16.29 -20.17
C THR B 60 8.73 -17.40 -19.12
N SER B 61 9.89 -17.64 -18.54
CA SER B 61 9.96 -18.53 -17.35
C SER B 61 10.59 -17.85 -16.14
N GLU B 62 10.31 -18.46 -15.01
CA GLU B 62 10.92 -18.05 -13.72
C GLU B 62 12.40 -18.44 -13.72
N PRO B 63 13.26 -17.76 -12.94
CA PRO B 63 12.93 -16.64 -12.07
C PRO B 63 12.78 -15.36 -12.88
N VAL B 64 11.95 -14.49 -12.31
CA VAL B 64 11.69 -13.15 -12.87
C VAL B 64 12.42 -12.10 -12.04
N ILE B 65 13.36 -11.41 -12.67
CA ILE B 65 13.98 -10.20 -12.12
CA ILE B 65 14.01 -10.21 -12.11
C ILE B 65 13.31 -9.01 -12.78
N ALA B 66 12.78 -8.16 -11.94
CA ALA B 66 12.18 -6.87 -12.37
C ALA B 66 13.07 -5.75 -11.92
N PHE B 67 13.45 -4.91 -12.87
CA PHE B 67 13.96 -3.59 -12.59
C PHE B 67 12.72 -2.66 -12.41
N ALA B 68 12.76 -1.85 -11.37
CA ALA B 68 11.59 -1.03 -11.13
C ALA B 68 11.96 0.42 -10.91
N GLY B 69 11.05 1.31 -11.36
CA GLY B 69 11.33 2.72 -11.24
C GLY B 69 10.22 3.60 -11.74
N HIS B 70 10.48 4.89 -11.70
CA HIS B 70 9.44 5.89 -12.09
C HIS B 70 10.02 6.97 -13.03
N THR B 71 9.17 7.43 -13.92
CA THR B 71 9.51 8.46 -14.93
C THR B 71 9.00 9.84 -14.50
N ASP B 72 8.26 9.88 -13.43
CA ASP B 72 7.79 11.25 -12.97
C ASP B 72 8.88 11.85 -12.16
N VAL B 73 8.75 13.17 -11.98
CA VAL B 73 9.68 13.96 -11.22
C VAL B 73 8.86 15.02 -10.44
N VAL B 74 9.44 15.52 -9.36
CA VAL B 74 8.79 16.57 -8.48
C VAL B 74 8.91 17.92 -9.13
N PRO B 75 8.12 18.90 -8.70
CA PRO B 75 8.34 20.22 -9.29
C PRO B 75 9.73 20.83 -9.13
N THR B 76 10.02 21.74 -10.02
CA THR B 76 11.37 22.37 -10.10
C THR B 76 11.63 23.51 -9.12
N GLY B 77 10.57 24.22 -8.83
CA GLY B 77 10.68 25.58 -8.21
C GLY B 77 10.99 26.55 -9.34
N ASP B 78 10.94 27.88 -9.13
CA ASP B 78 11.13 28.75 -10.33
C ASP B 78 12.56 28.57 -10.87
N GLU B 79 12.66 28.63 -12.19
CA GLU B 79 13.92 28.29 -12.88
C GLU B 79 15.15 29.19 -12.55
N ASN B 80 14.89 30.38 -12.04
CA ASN B 80 16.00 31.37 -11.79
C ASN B 80 16.94 31.04 -10.61
N GLN B 81 16.58 30.07 -9.80
CA GLN B 81 17.51 29.57 -8.72
C GLN B 81 18.46 28.50 -9.25
N TRP B 82 18.10 28.05 -10.44
CA TRP B 82 18.80 26.97 -11.10
C TRP B 82 19.96 27.53 -11.86
N SER B 83 21.12 26.92 -11.68
CA SER B 83 22.36 27.24 -12.45
C SER B 83 22.18 26.92 -13.93
N SER B 84 21.38 25.90 -14.13
CA SER B 84 21.37 25.14 -15.37
C SER B 84 19.92 24.70 -15.47
N PRO B 85 19.16 25.22 -16.45
CA PRO B 85 17.71 25.03 -16.48
C PRO B 85 17.28 23.58 -16.21
N PRO B 86 16.19 23.39 -15.43
CA PRO B 86 16.01 22.07 -14.92
C PRO B 86 15.72 20.99 -15.96
N PHE B 87 15.22 21.40 -17.10
CA PHE B 87 14.98 20.41 -18.17
C PHE B 87 15.94 20.46 -19.31
N SER B 88 17.11 21.06 -19.07
CA SER B 88 18.15 21.26 -20.13
C SER B 88 19.02 20.05 -20.35
N ALA B 89 19.22 19.30 -19.30
CA ALA B 89 20.14 18.11 -19.30
C ALA B 89 21.59 18.48 -19.73
N GLU B 90 22.02 19.63 -19.24
CA GLU B 90 23.44 20.07 -19.32
C GLU B 90 24.38 19.22 -18.52
N ILE B 91 25.51 19.00 -19.16
CA ILE B 91 26.65 18.33 -18.55
C ILE B 91 27.80 19.33 -18.41
N ILE B 92 28.14 19.57 -17.16
CA ILE B 92 29.14 20.58 -16.81
C ILE B 92 30.10 19.94 -15.85
N ASP B 93 31.35 19.82 -16.28
CA ASP B 93 32.44 19.42 -15.38
C ASP B 93 32.17 18.03 -14.87
N GLY B 94 31.66 17.22 -15.77
CA GLY B 94 31.31 15.80 -15.54
C GLY B 94 30.02 15.54 -14.72
N MET B 95 29.26 16.59 -14.47
CA MET B 95 27.97 16.50 -13.72
C MET B 95 26.77 16.77 -14.68
N LEU B 96 25.81 15.87 -14.64
CA LEU B 96 24.54 15.97 -15.46
C LEU B 96 23.46 16.67 -14.65
N TYR B 97 23.09 17.83 -15.10
CA TYR B 97 22.15 18.69 -14.38
C TYR B 97 20.72 18.55 -14.92
N GLY B 98 19.83 18.34 -13.99
CA GLY B 98 18.42 18.48 -14.26
C GLY B 98 17.52 17.83 -13.20
N ARG B 99 16.30 18.30 -13.19
CA ARG B 99 15.24 17.70 -12.35
C ARG B 99 15.04 16.27 -12.92
N GLY B 100 15.19 15.34 -12.04
CA GLY B 100 15.12 13.93 -12.38
C GLY B 100 16.42 13.29 -12.66
N ALA B 101 17.49 14.07 -12.67
CA ALA B 101 18.79 13.51 -13.00
C ALA B 101 19.18 12.43 -12.06
N ALA B 102 19.03 12.73 -10.77
CA ALA B 102 19.41 11.82 -9.68
C ALA B 102 18.19 10.92 -9.30
N ASP B 103 17.02 11.52 -9.39
CA ASP B 103 15.74 10.87 -8.94
C ASP B 103 14.62 10.89 -9.98
N MET B 104 14.56 9.94 -10.87
CA MET B 104 15.52 8.81 -11.02
C MET B 104 15.84 8.43 -12.47
N LYS B 105 15.83 9.43 -13.33
CA LYS B 105 16.07 9.19 -14.78
C LYS B 105 17.46 8.61 -15.14
N GLY B 106 18.49 9.06 -14.42
CA GLY B 106 19.83 8.59 -14.63
C GLY B 106 19.88 7.08 -14.41
N SER B 107 19.44 6.66 -13.21
CA SER B 107 19.46 5.19 -12.85
C SER B 107 18.50 4.43 -13.70
N LEU B 108 17.36 5.06 -13.98
CA LEU B 108 16.41 4.39 -14.90
C LEU B 108 17.08 4.13 -16.21
N ALA B 109 17.79 5.12 -16.72
CA ALA B 109 18.51 4.91 -18.02
C ALA B 109 19.54 3.77 -17.87
N ALA B 110 20.25 3.80 -16.73
CA ALA B 110 21.32 2.77 -16.46
C ALA B 110 20.74 1.36 -16.37
N MET B 111 19.58 1.19 -15.70
CA MET B 111 18.87 -0.17 -15.63
C MET B 111 18.43 -0.65 -17.01
N ILE B 112 17.88 0.29 -17.76
CA ILE B 112 17.46 0.04 -19.14
C ILE B 112 18.65 -0.43 -20.02
N VAL B 113 19.75 0.30 -19.94
CA VAL B 113 20.90 -0.01 -20.86
C VAL B 113 21.44 -1.38 -20.40
N ALA B 114 21.40 -1.60 -19.10
CA ALA B 114 21.93 -2.88 -18.50
C ALA B 114 21.13 -4.07 -18.99
N ALA B 115 19.82 -3.93 -18.90
CA ALA B 115 18.87 -4.97 -19.36
C ALA B 115 19.03 -5.25 -20.87
N GLU B 116 19.19 -4.17 -21.61
CA GLU B 116 19.33 -4.24 -23.11
C GLU B 116 20.59 -5.03 -23.48
N GLU B 117 21.69 -4.56 -22.90
CA GLU B 117 23.07 -5.10 -23.15
C GLU B 117 23.12 -6.57 -22.77
N TYR B 118 22.63 -6.84 -21.57
CA TYR B 118 22.51 -8.23 -21.07
C TYR B 118 21.78 -9.18 -21.99
N VAL B 119 20.62 -8.72 -22.42
CA VAL B 119 19.70 -9.49 -23.34
C VAL B 119 20.34 -9.68 -24.74
N LYS B 120 21.00 -8.63 -25.22
CA LYS B 120 21.76 -8.69 -26.54
C LYS B 120 22.90 -9.75 -26.48
N ALA B 121 23.65 -9.72 -25.39
CA ALA B 121 24.81 -10.63 -25.21
C ALA B 121 24.38 -12.04 -24.82
N ASN B 122 23.12 -12.14 -24.41
CA ASN B 122 22.59 -13.38 -23.80
C ASN B 122 21.17 -13.79 -24.24
N PRO B 123 20.93 -13.92 -25.53
CA PRO B 123 19.51 -14.16 -25.93
C PRO B 123 18.77 -15.31 -25.25
N ASN B 124 19.53 -16.32 -24.92
CA ASN B 124 19.02 -17.52 -24.24
C ASN B 124 19.36 -17.54 -22.77
N HIS B 125 19.26 -16.37 -22.18
CA HIS B 125 19.40 -16.22 -20.76
C HIS B 125 18.30 -17.00 -20.14
N LYS B 126 18.55 -17.61 -18.99
CA LYS B 126 17.41 -18.22 -18.26
C LYS B 126 16.60 -17.08 -17.65
N GLY B 127 15.37 -17.45 -17.36
CA GLY B 127 14.44 -16.68 -16.57
C GLY B 127 13.81 -15.58 -17.40
N THR B 128 13.44 -14.54 -16.68
CA THR B 128 12.72 -13.38 -17.28
C THR B 128 13.32 -12.10 -16.74
N ILE B 129 13.70 -11.22 -17.65
CA ILE B 129 14.14 -9.90 -17.28
C ILE B 129 12.94 -8.98 -17.56
N ALA B 130 12.59 -8.15 -16.58
CA ALA B 130 11.34 -7.33 -16.75
C ALA B 130 11.64 -5.93 -16.30
N LEU B 131 10.79 -5.00 -16.77
CA LEU B 131 10.94 -3.57 -16.29
C LEU B 131 9.55 -3.13 -15.98
N LEU B 132 9.41 -2.52 -14.80
CA LEU B 132 8.13 -2.08 -14.26
C LEU B 132 8.31 -0.56 -14.00
N ILE B 133 7.63 0.20 -14.80
CA ILE B 133 7.85 1.66 -14.78
C ILE B 133 6.52 2.35 -14.64
N THR B 134 6.50 3.37 -13.75
CA THR B 134 5.24 4.08 -13.43
C THR B 134 5.47 5.55 -13.70
N SER B 135 4.43 6.27 -14.03
CA SER B 135 4.56 7.80 -14.10
C SER B 135 4.03 8.52 -12.88
N ASP B 136 3.71 7.75 -11.87
CA ASP B 136 3.31 8.29 -10.55
C ASP B 136 3.79 7.55 -9.29
N GLU B 137 5.01 7.86 -8.94
CA GLU B 137 5.60 7.44 -7.67
C GLU B 137 5.67 8.59 -6.67
N GLU B 138 5.82 9.77 -7.20
CA GLU B 138 6.19 10.97 -6.36
C GLU B 138 4.99 11.70 -5.74
N ALA B 139 3.81 11.42 -6.26
CA ALA B 139 2.59 12.19 -5.85
C ALA B 139 1.63 11.29 -5.07
N THR B 140 0.38 11.18 -5.44
CA THR B 140 -0.48 10.32 -4.59
C THR B 140 -0.20 8.80 -4.79
N ALA B 141 0.18 8.45 -5.99
CA ALA B 141 0.63 7.02 -6.34
C ALA B 141 -0.44 5.99 -6.25
N LYS B 142 -1.66 6.46 -6.27
CA LYS B 142 -2.85 5.55 -6.14
C LYS B 142 -3.03 4.54 -7.27
N ASP B 143 -2.53 4.93 -8.44
CA ASP B 143 -2.72 4.24 -9.71
C ASP B 143 -1.44 3.84 -10.43
N GLY B 144 -0.39 3.74 -9.64
CA GLY B 144 0.93 3.59 -10.13
C GLY B 144 1.38 2.12 -10.02
N THR B 145 2.56 1.96 -9.44
CA THR B 145 3.12 0.61 -9.14
C THR B 145 2.06 -0.31 -8.49
N ILE B 146 1.35 0.22 -7.51
CA ILE B 146 0.29 -0.60 -6.80
C ILE B 146 -0.74 -1.23 -7.79
N HIS B 147 -1.13 -0.46 -8.80
CA HIS B 147 -2.06 -0.93 -9.88
C HIS B 147 -1.47 -2.10 -10.66
N VAL B 148 -0.20 -1.96 -10.93
CA VAL B 148 0.58 -2.97 -11.68
C VAL B 148 0.62 -4.30 -10.82
N VAL B 149 1.05 -4.14 -9.60
CA VAL B 149 1.08 -5.21 -8.53
C VAL B 149 -0.31 -5.89 -8.44
N GLU B 150 -1.36 -5.09 -8.28
CA GLU B 150 -2.77 -5.72 -8.30
C GLU B 150 -3.09 -6.58 -9.54
N THR B 151 -2.73 -6.04 -10.71
CA THR B 151 -3.01 -6.63 -12.03
C THR B 151 -2.22 -7.98 -12.14
N LEU B 152 -0.97 -7.94 -11.76
CA LEU B 152 -0.02 -9.13 -11.84
C LEU B 152 -0.51 -10.25 -10.86
N MET B 153 -0.85 -9.82 -9.66
CA MET B 153 -1.35 -10.74 -8.59
C MET B 153 -2.67 -11.35 -8.97
N ALA B 154 -3.55 -10.52 -9.49
CA ALA B 154 -4.90 -10.99 -9.93
C ALA B 154 -4.86 -12.07 -11.01
N ARG B 155 -3.80 -12.12 -11.80
CA ARG B 155 -3.63 -13.18 -12.85
C ARG B 155 -2.57 -14.23 -12.52
N ASP B 156 -2.11 -14.22 -11.27
CA ASP B 156 -1.08 -15.19 -10.73
C ASP B 156 0.31 -15.05 -11.38
N GLU B 157 0.60 -13.86 -11.89
CA GLU B 157 1.92 -13.62 -12.46
C GLU B 157 2.92 -13.26 -11.34
N LYS B 158 4.05 -13.93 -11.35
CA LYS B 158 5.13 -13.77 -10.31
C LYS B 158 6.33 -12.90 -10.67
N ILE B 159 6.83 -12.28 -9.62
CA ILE B 159 8.09 -11.55 -9.61
C ILE B 159 8.94 -12.17 -8.50
N THR B 160 10.14 -12.66 -8.84
CA THR B 160 11.06 -13.30 -7.82
C THR B 160 12.00 -12.36 -7.07
N TYR B 161 12.63 -11.51 -7.88
CA TYR B 161 13.59 -10.51 -7.44
C TYR B 161 13.22 -9.12 -8.01
N CYS B 162 13.47 -8.08 -7.27
CA CYS B 162 13.19 -6.75 -7.84
C CYS B 162 14.20 -5.75 -7.35
N MET B 163 14.88 -5.17 -8.32
CA MET B 163 15.88 -4.17 -8.11
C MET B 163 15.17 -2.86 -8.42
N VAL B 164 15.00 -2.06 -7.39
CA VAL B 164 14.45 -0.65 -7.45
C VAL B 164 15.58 0.38 -7.53
N GLY B 165 15.69 0.96 -8.71
CA GLY B 165 16.78 1.88 -9.10
C GLY B 165 16.69 3.25 -8.41
N GLU B 166 16.00 3.32 -7.27
CA GLU B 166 15.97 4.62 -6.54
C GLU B 166 17.40 4.97 -6.00
N PRO B 167 17.75 6.26 -5.92
CA PRO B 167 19.13 6.55 -5.49
C PRO B 167 19.35 6.35 -3.98
N SER B 168 20.13 5.32 -3.68
CA SER B 168 20.33 4.84 -2.28
C SER B 168 21.64 5.31 -1.62
N SER B 169 22.53 5.83 -2.42
CA SER B 169 23.93 6.09 -1.96
C SER B 169 24.00 7.40 -1.15
N ALA B 170 24.70 7.35 -0.03
CA ALA B 170 24.77 8.49 0.92
C ALA B 170 25.95 9.44 0.67
N LYS B 171 27.15 8.90 0.63
CA LYS B 171 28.39 9.76 0.54
C LYS B 171 29.25 9.51 -0.69
N ASN B 172 29.47 8.24 -0.94
CA ASN B 172 30.09 7.75 -2.16
C ASN B 172 29.21 6.68 -2.81
N LEU B 173 29.25 6.65 -4.13
CA LEU B 173 28.48 5.66 -4.89
C LEU B 173 28.76 4.29 -4.34
N GLY B 174 27.70 3.51 -4.19
CA GLY B 174 27.78 2.12 -3.68
C GLY B 174 27.80 1.88 -2.17
N ASP B 175 27.80 2.94 -1.38
CA ASP B 175 28.03 2.82 0.11
C ASP B 175 26.83 2.26 0.87
N VAL B 176 25.68 2.41 0.23
CA VAL B 176 24.38 2.04 0.85
C VAL B 176 23.49 1.32 -0.15
N VAL B 177 23.06 0.16 0.30
CA VAL B 177 22.02 -0.65 -0.34
C VAL B 177 20.79 -0.80 0.61
N LYS B 178 19.59 -0.71 0.04
CA LYS B 178 18.32 -0.76 0.86
C LYS B 178 17.55 -2.03 0.68
N ASN B 179 17.29 -2.67 1.79
CA ASN B 179 16.41 -3.81 1.77
C ASN B 179 15.50 -3.95 2.98
N PRO B 190 20.16 -13.23 3.60
CA PRO B 190 20.94 -14.08 2.74
C PRO B 190 20.33 -14.29 1.35
N GLY B 191 19.52 -13.32 0.91
CA GLY B 191 18.84 -13.40 -0.42
C GLY B 191 19.82 -13.40 -1.59
N LYS B 192 19.49 -14.08 -2.67
CA LYS B 192 20.35 -14.11 -3.90
C LYS B 192 20.45 -12.74 -4.61
N LEU B 193 19.39 -11.96 -4.48
CA LEU B 193 19.41 -10.59 -5.01
C LEU B 193 20.38 -9.69 -4.27
N LEU B 194 20.25 -9.64 -2.95
CA LEU B 194 21.17 -8.86 -2.09
C LEU B 194 22.63 -9.24 -2.31
N ASP B 195 22.83 -10.53 -2.42
CA ASP B 195 24.19 -11.13 -2.72
C ASP B 195 24.77 -10.67 -4.06
N SER B 196 23.91 -10.80 -5.07
CA SER B 196 24.24 -10.44 -6.47
C SER B 196 24.58 -8.99 -6.69
N ILE B 197 23.84 -8.10 -6.02
CA ILE B 197 24.09 -6.65 -6.18
C ILE B 197 25.32 -6.22 -5.31
N THR B 198 25.41 -6.81 -4.14
CA THR B 198 26.52 -6.53 -3.20
CA THR B 198 26.52 -6.56 -3.18
C THR B 198 27.83 -6.88 -3.90
N SER B 199 27.85 -8.03 -4.53
CA SER B 199 29.05 -8.48 -5.30
C SER B 199 29.39 -7.59 -6.48
N ALA B 200 28.34 -7.18 -7.18
CA ALA B 200 28.49 -6.38 -8.43
C ALA B 200 29.12 -5.04 -8.09
N ILE B 201 28.72 -4.51 -6.96
CA ILE B 201 29.24 -3.24 -6.39
C ILE B 201 30.73 -3.37 -6.03
N GLU B 202 30.98 -4.40 -5.24
CA GLU B 202 32.36 -4.75 -4.78
C GLU B 202 33.32 -4.89 -5.96
N GLU B 203 32.90 -5.76 -6.85
CA GLU B 203 33.64 -6.14 -8.08
C GLU B 203 33.81 -5.05 -9.13
N THR B 204 33.00 -3.99 -9.05
CA THR B 204 32.99 -2.92 -10.08
C THR B 204 33.66 -1.67 -9.59
N ILE B 205 33.37 -1.33 -8.34
CA ILE B 205 33.95 -0.08 -7.76
C ILE B 205 34.67 -0.24 -6.41
N GLY B 206 34.79 -1.48 -6.01
CA GLY B 206 35.72 -1.89 -4.93
C GLY B 206 35.34 -1.42 -3.55
N ILE B 207 34.06 -1.23 -3.33
CA ILE B 207 33.58 -0.94 -1.98
C ILE B 207 32.42 -1.86 -1.62
N THR B 208 32.25 -2.08 -0.33
CA THR B 208 31.21 -2.97 0.23
C THR B 208 30.04 -2.15 0.77
N PRO B 209 28.83 -2.38 0.20
CA PRO B 209 27.70 -1.64 0.68
C PRO B 209 27.11 -2.17 1.99
N LYS B 210 26.78 -1.22 2.85
CA LYS B 210 25.92 -1.47 4.01
C LYS B 210 24.47 -1.69 3.57
N ALA B 211 23.98 -2.88 3.80
CA ALA B 211 22.56 -3.24 3.63
C ALA B 211 21.67 -2.63 4.70
N GLU B 212 21.09 -1.47 4.40
CA GLU B 212 20.15 -0.72 5.28
C GLU B 212 18.67 -1.19 5.20
N THR B 213 18.04 -1.22 6.36
CA THR B 213 16.62 -1.70 6.52
C THR B 213 15.59 -0.68 7.04
N GLY B 216 13.27 1.99 2.19
CA GLY B 216 12.14 1.50 1.39
C GLY B 216 11.13 2.57 0.99
N THR B 217 11.21 2.90 -0.29
CA THR B 217 10.11 3.64 -0.99
C THR B 217 8.87 2.80 -0.86
N SER B 218 7.73 3.49 -0.88
CA SER B 218 6.39 2.80 -0.89
C SER B 218 6.30 1.77 -2.01
N ASP B 219 6.67 2.17 -3.21
CA ASP B 219 6.49 1.29 -4.35
C ASP B 219 7.19 -0.04 -4.11
N GLY B 220 8.42 0.07 -3.65
CA GLY B 220 9.19 -1.13 -3.22
C GLY B 220 8.42 -1.95 -2.20
N ARG B 221 7.78 -1.27 -1.29
CA ARG B 221 7.01 -1.98 -0.21
C ARG B 221 5.78 -2.80 -0.80
N PHE B 222 5.17 -2.28 -1.87
CA PHE B 222 4.07 -3.00 -2.55
C PHE B 222 4.51 -4.20 -3.37
N ILE B 223 5.64 -4.06 -4.02
CA ILE B 223 6.21 -5.19 -4.83
C ILE B 223 6.58 -6.39 -3.93
N ALA B 224 7.13 -6.07 -2.79
CA ALA B 224 7.52 -7.03 -1.70
C ALA B 224 6.36 -7.88 -1.22
N LEU B 225 5.19 -7.25 -1.17
CA LEU B 225 3.92 -7.98 -0.83
C LEU B 225 3.52 -9.04 -1.87
N MET B 226 4.13 -8.97 -3.03
CA MET B 226 4.03 -10.06 -4.05
C MET B 226 4.88 -11.29 -3.72
N GLY B 227 5.73 -11.12 -2.74
CA GLY B 227 6.63 -12.19 -2.30
C GLY B 227 8.01 -12.11 -2.91
N ALA B 228 8.20 -11.06 -3.72
CA ALA B 228 9.51 -10.70 -4.25
C ALA B 228 10.48 -10.23 -3.19
N GLU B 229 11.69 -10.72 -3.33
N GLU B 229 11.69 -10.74 -3.31
CA GLU B 229 12.84 -10.12 -2.67
CA GLU B 229 12.86 -10.09 -2.68
C GLU B 229 13.12 -8.78 -3.33
C GLU B 229 13.10 -8.78 -3.34
N VAL B 230 13.07 -7.72 -2.56
CA VAL B 230 13.21 -6.34 -3.07
C VAL B 230 14.45 -5.67 -2.46
N VAL B 231 15.30 -5.15 -3.35
CA VAL B 231 16.48 -4.41 -2.97
C VAL B 231 16.56 -3.12 -3.80
N GLU B 232 16.78 -2.02 -3.10
CA GLU B 232 17.07 -0.71 -3.73
C GLU B 232 18.55 -0.39 -3.82
N PHE B 233 18.94 -0.02 -5.01
CA PHE B 233 20.27 0.52 -5.26
C PHE B 233 20.38 1.58 -6.36
N GLY B 234 20.98 2.70 -6.01
CA GLY B 234 21.38 3.73 -6.99
C GLY B 234 22.37 4.84 -6.62
N PRO B 235 22.47 5.84 -7.51
CA PRO B 235 23.35 6.95 -7.29
C PRO B 235 23.10 7.69 -5.99
N LEU B 236 23.93 8.71 -5.82
CA LEU B 236 23.91 9.61 -4.64
C LEU B 236 22.59 10.35 -4.65
N ASN B 237 22.02 10.51 -3.45
CA ASN B 237 20.65 11.05 -3.25
C ASN B 237 20.60 12.43 -2.63
N SER B 238 21.77 13.02 -2.51
CA SER B 238 21.88 14.31 -1.78
C SER B 238 21.20 15.50 -2.46
N THR B 239 21.12 15.42 -3.79
CA THR B 239 20.53 16.52 -4.63
C THR B 239 19.01 16.33 -4.98
N ILE B 240 18.47 15.17 -4.62
CA ILE B 240 17.02 14.81 -4.94
C ILE B 240 16.06 15.85 -4.38
N HIS B 241 15.06 16.19 -5.21
CA HIS B 241 13.99 17.13 -4.90
C HIS B 241 14.42 18.54 -4.61
N LYS B 242 15.62 18.86 -5.03
CA LYS B 242 16.28 20.15 -4.70
C LYS B 242 16.73 20.88 -5.95
N VAL B 243 16.94 22.18 -5.77
CA VAL B 243 17.36 23.03 -6.88
C VAL B 243 18.73 22.52 -7.29
N ASN B 244 18.98 22.51 -8.59
CA ASN B 244 20.30 22.13 -9.17
C ASN B 244 20.60 20.67 -8.97
N GLU B 245 19.52 19.93 -8.99
CA GLU B 245 19.63 18.46 -8.91
C GLU B 245 20.61 18.06 -9.98
N CYS B 246 21.44 17.08 -9.68
CA CYS B 246 22.45 16.68 -10.63
C CYS B 246 22.94 15.35 -10.25
N VAL B 247 23.48 14.66 -11.23
CA VAL B 247 24.11 13.35 -11.08
C VAL B 247 25.48 13.26 -11.82
N SER B 248 26.39 12.49 -11.25
CA SER B 248 27.73 12.28 -11.86
C SER B 248 27.62 11.36 -13.08
N VAL B 249 28.06 11.86 -14.23
CA VAL B 249 28.02 11.00 -15.45
C VAL B 249 28.89 9.74 -15.28
N GLU B 250 30.01 9.87 -14.59
CA GLU B 250 30.87 8.69 -14.30
C GLU B 250 30.14 7.65 -13.42
N ASP B 251 29.47 8.18 -12.42
CA ASP B 251 28.62 7.35 -11.55
C ASP B 251 27.48 6.63 -12.38
N LEU B 252 26.87 7.34 -13.33
CA LEU B 252 25.80 6.66 -14.18
C LEU B 252 26.41 5.52 -14.97
N GLY B 253 27.63 5.77 -15.39
CA GLY B 253 28.43 4.78 -16.10
C GLY B 253 28.62 3.55 -15.26
N LYS B 254 29.14 3.78 -14.08
CA LYS B 254 29.37 2.71 -13.08
C LYS B 254 28.05 1.95 -12.77
N CYS B 255 26.96 2.72 -12.54
CA CYS B 255 25.66 2.04 -12.24
C CYS B 255 25.26 1.07 -13.34
N GLY B 256 25.43 1.50 -14.58
CA GLY B 256 25.09 0.66 -15.73
C GLY B 256 25.88 -0.65 -15.72
N GLU B 257 27.12 -0.53 -15.30
CA GLU B 257 28.00 -1.73 -15.16
C GLU B 257 27.55 -2.57 -13.99
N ILE B 258 27.25 -1.86 -12.90
CA ILE B 258 26.76 -2.52 -11.63
C ILE B 258 25.49 -3.34 -11.90
N TYR B 259 24.50 -2.70 -12.53
CA TYR B 259 23.18 -3.38 -12.80
C TYR B 259 23.37 -4.62 -13.70
N HIS B 260 24.27 -4.47 -14.65
CA HIS B 260 24.59 -5.55 -15.62
C HIS B 260 25.28 -6.70 -14.91
N LYS B 261 26.30 -6.37 -14.13
CA LYS B 261 27.07 -7.41 -13.35
C LYS B 261 26.09 -8.14 -12.45
N MET B 262 25.16 -7.36 -11.90
CA MET B 262 24.14 -7.89 -10.98
C MET B 262 23.32 -8.96 -11.62
N LEU B 263 23.03 -8.74 -12.88
CA LEU B 263 22.21 -9.70 -13.65
C LEU B 263 22.96 -11.01 -13.91
N VAL B 264 24.20 -10.82 -14.34
CA VAL B 264 25.18 -11.94 -14.55
C VAL B 264 25.29 -12.77 -13.27
N ASN B 265 25.64 -12.07 -12.20
CA ASN B 265 25.75 -12.71 -10.87
C ASN B 265 24.47 -13.48 -10.54
N LEU B 266 23.34 -12.85 -10.81
CA LEU B 266 22.02 -13.33 -10.36
C LEU B 266 21.49 -14.51 -11.11
N LEU B 267 21.64 -14.47 -12.40
CA LEU B 267 21.04 -15.47 -13.28
C LEU B 267 21.93 -16.63 -13.73
N ASP B 268 23.22 -16.40 -13.72
CA ASP B 268 24.16 -17.32 -14.46
C ASP B 268 24.90 -18.32 -13.59
ZN ZN C . -13.13 5.38 8.07
ZN ZN D . -13.03 8.62 7.21
ZN ZN E . 12.28 8.39 -6.86
ZN ZN F . 11.68 11.30 -5.25
#